data_6QHK
#
_entry.id   6QHK
#
_cell.length_a   83.150
_cell.length_b   83.150
_cell.length_c   83.125
_cell.angle_alpha   90.00
_cell.angle_beta   90.00
_cell.angle_gamma   120.00
#
_symmetry.space_group_name_H-M   'P 65'
#
loop_
_entity.id
_entity.type
_entity.pdbx_description
1 polymer 'Ubiquitin-conjugating enzyme E2 S'
2 non-polymer 'CHLORIDE ION'
3 non-polymer 1,2-ETHANEDIOL
4 non-polymer 'Phenylarsine oxide'
5 water water
#
_entity_poly.entity_id   1
_entity_poly.type   'polypeptide(L)'
_entity_poly.pdbx_seq_one_letter_code
;MNSNVENLPPHIIRLVYKEVTTLTADPPDGIKVFPNEEDLTDLQVTIEGPEGTPYAGGLFRMKLLLGKDFPASPPKGYFL
TKIFHPNVGANGEICVNVLKRDWTAELGIRHVLLTIKCLLIHPNPESALNEEAGRLLLENYEEYAARARLLTEIHG
;
_entity_poly.pdbx_strand_id   A,B
#
# COMPACT_ATOMS: atom_id res chain seq x y z
N PRO A 10 14.61 13.05 -24.44
CA PRO A 10 15.25 11.73 -24.41
C PRO A 10 14.24 10.59 -24.45
N HIS A 11 14.73 9.36 -24.29
CA HIS A 11 13.83 8.21 -24.21
C HIS A 11 12.93 8.28 -22.99
N ILE A 12 13.42 8.89 -21.89
CA ILE A 12 12.67 8.89 -20.64
C ILE A 12 11.38 9.69 -20.79
N ILE A 13 11.41 10.77 -21.57
CA ILE A 13 10.19 11.56 -21.79
C ILE A 13 9.10 10.68 -22.36
N ARG A 14 9.42 9.90 -23.40
CA ARG A 14 8.43 9.03 -24.03
C ARG A 14 7.91 8.00 -23.04
N LEU A 15 8.81 7.35 -22.31
CA LEU A 15 8.40 6.34 -21.33
C LEU A 15 7.42 6.94 -20.34
N VAL A 16 7.76 8.10 -19.78
CA VAL A 16 6.89 8.76 -18.82
C VAL A 16 5.54 9.07 -19.45
N TYR A 17 5.54 9.57 -20.69
CA TYR A 17 4.28 9.85 -21.35
C TYR A 17 3.40 8.61 -21.41
N LYS A 18 3.94 7.51 -21.95
CA LYS A 18 3.17 6.28 -22.03
C LYS A 18 2.72 5.82 -20.66
N GLU A 19 3.59 5.92 -19.66
CA GLU A 19 3.23 5.51 -18.31
C GLU A 19 2.18 6.43 -17.69
N VAL A 20 2.23 7.72 -18.01
CA VAL A 20 1.28 8.67 -17.43
C VAL A 20 -0.08 8.56 -18.09
N THR A 21 -0.11 8.40 -19.42
CA THR A 21 -1.40 8.30 -20.11
C THR A 21 -2.14 7.05 -19.69
N THR A 22 -1.46 5.90 -19.62
CA THR A 22 -2.10 4.68 -19.14
C THR A 22 -2.59 4.86 -17.71
N LEU A 23 -1.77 5.48 -16.86
CA LEU A 23 -2.15 5.70 -15.48
C LEU A 23 -3.37 6.60 -15.38
N THR A 24 -3.42 7.64 -16.21
CA THR A 24 -4.56 8.56 -16.19
C THR A 24 -5.83 7.88 -16.69
N ALA A 25 -5.70 6.95 -17.64
CA ALA A 25 -6.86 6.29 -18.23
C ALA A 25 -7.39 5.17 -17.36
N ASP A 26 -6.52 4.53 -16.57
CA ASP A 26 -6.90 3.42 -15.71
C ASP A 26 -6.31 3.66 -14.33
N PRO A 27 -6.75 4.70 -13.63
CA PRO A 27 -6.06 5.12 -12.42
C PRO A 27 -6.45 4.26 -11.24
N PRO A 28 -5.64 4.26 -10.19
CA PRO A 28 -6.01 3.52 -8.98
C PRO A 28 -7.31 4.02 -8.37
N ASP A 29 -8.00 3.11 -7.70
CA ASP A 29 -9.20 3.48 -6.95
C ASP A 29 -8.88 4.63 -6.02
N GLY A 30 -9.68 5.69 -6.10
CA GLY A 30 -9.51 6.82 -5.21
C GLY A 30 -8.35 7.73 -5.54
N ILE A 31 -7.68 7.53 -6.67
CA ILE A 31 -6.59 8.38 -7.10
C ILE A 31 -6.90 8.87 -8.51
N LYS A 32 -6.70 10.17 -8.74
CA LYS A 32 -6.93 10.77 -10.05
C LYS A 32 -5.67 11.52 -10.45
N VAL A 33 -5.25 11.34 -11.71
CA VAL A 33 -4.04 11.97 -12.23
C VAL A 33 -4.45 12.97 -13.31
N PHE A 34 -4.01 14.23 -13.15
CA PHE A 34 -4.19 15.26 -14.16
C PHE A 34 -2.85 15.44 -14.85
N PRO A 35 -2.60 14.84 -16.02
CA PRO A 35 -1.35 15.11 -16.72
C PRO A 35 -1.36 16.47 -17.40
N ASN A 36 -0.21 17.14 -17.35
CA ASN A 36 -0.03 18.44 -17.99
C ASN A 36 0.98 18.28 -19.12
N GLU A 37 0.52 18.53 -20.35
CA GLU A 37 1.33 18.23 -21.53
C GLU A 37 2.67 18.96 -21.50
N GLU A 38 2.67 20.23 -21.07
CA GLU A 38 3.90 21.03 -21.14
C GLU A 38 4.99 20.48 -20.24
N ASP A 39 4.63 20.03 -19.04
CA ASP A 39 5.61 19.56 -18.06
C ASP A 39 5.18 18.19 -17.53
N LEU A 40 5.82 17.13 -18.02
CA LEU A 40 5.55 15.78 -17.54
C LEU A 40 6.35 15.41 -16.30
N THR A 41 7.28 16.26 -15.85
CA THR A 41 8.00 16.00 -14.62
C THR A 41 7.32 16.60 -13.40
N ASP A 42 6.15 17.22 -13.58
CA ASP A 42 5.37 17.83 -12.49
C ASP A 42 3.95 17.30 -12.61
N LEU A 43 3.68 16.15 -11.99
CA LEU A 43 2.40 15.48 -12.12
C LEU A 43 1.44 15.93 -11.02
N GLN A 44 0.25 16.37 -11.43
CA GLN A 44 -0.78 16.78 -10.49
C GLN A 44 -1.69 15.59 -10.19
N VAL A 45 -1.97 15.39 -8.90
CA VAL A 45 -2.68 14.21 -8.44
C VAL A 45 -3.64 14.62 -7.33
N THR A 46 -4.80 13.96 -7.30
CA THR A 46 -5.75 14.09 -6.21
C THR A 46 -6.03 12.71 -5.62
N ILE A 47 -5.92 12.62 -4.30
CA ILE A 47 -6.18 11.38 -3.58
C ILE A 47 -7.41 11.59 -2.72
N GLU A 48 -8.42 10.76 -2.92
CA GLU A 48 -9.56 10.75 -2.03
C GLU A 48 -9.14 10.25 -0.67
N GLY A 49 -9.54 10.96 0.38
CA GLY A 49 -9.38 10.46 1.72
C GLY A 49 -10.02 9.10 1.86
N PRO A 50 -9.24 8.06 2.14
CA PRO A 50 -9.81 6.71 2.17
C PRO A 50 -10.81 6.52 3.29
N GLU A 51 -11.88 5.78 3.00
CA GLU A 51 -12.87 5.43 4.01
C GLU A 51 -12.21 4.70 5.17
N GLY A 52 -12.87 4.74 6.33
CA GLY A 52 -12.33 4.11 7.50
C GLY A 52 -11.04 4.71 8.02
N THR A 53 -10.64 5.89 7.52
CA THR A 53 -9.51 6.62 8.05
C THR A 53 -9.99 8.00 8.51
N PRO A 54 -9.16 8.75 9.23
CA PRO A 54 -9.54 10.13 9.58
C PRO A 54 -9.68 11.04 8.39
N TYR A 55 -9.21 10.62 7.22
CA TYR A 55 -9.25 11.45 6.03
C TYR A 55 -10.49 11.21 5.18
N ALA A 56 -11.34 10.29 5.58
CA ALA A 56 -12.54 9.94 4.83
C ALA A 56 -13.34 11.18 4.45
N GLY A 57 -13.66 11.29 3.16
CA GLY A 57 -14.50 12.37 2.66
C GLY A 57 -13.73 13.57 2.15
N GLY A 58 -12.42 13.63 2.34
CA GLY A 58 -11.62 14.74 1.89
C GLY A 58 -10.93 14.46 0.57
N LEU A 59 -10.59 15.53 -0.13
CA LEU A 59 -9.81 15.48 -1.36
C LEU A 59 -8.45 16.11 -1.07
N PHE A 60 -7.39 15.36 -1.31
CA PHE A 60 -6.04 15.80 -0.99
C PHE A 60 -5.25 15.95 -2.29
N ARG A 61 -4.96 17.19 -2.64
CA ARG A 61 -4.18 17.50 -3.82
C ARG A 61 -2.70 17.36 -3.50
N MET A 62 -1.97 16.77 -4.43
CA MET A 62 -0.53 16.59 -4.28
C MET A 62 0.10 16.72 -5.65
N LYS A 63 1.41 16.90 -5.66
CA LYS A 63 2.19 16.86 -6.88
C LYS A 63 3.31 15.86 -6.72
N LEU A 64 3.64 15.18 -7.83
CA LEU A 64 4.77 14.27 -7.88
C LEU A 64 5.80 14.88 -8.82
N LEU A 65 6.98 15.19 -8.28
CA LEU A 65 8.07 15.75 -9.06
C LEU A 65 9.00 14.61 -9.48
N LEU A 66 9.06 14.34 -10.77
CA LEU A 66 10.11 13.50 -11.31
C LEU A 66 11.39 14.32 -11.39
N GLY A 67 12.42 13.89 -10.68
CA GLY A 67 13.67 14.62 -10.65
C GLY A 67 14.45 14.46 -11.92
N LYS A 68 15.60 15.14 -11.96
CA LYS A 68 16.47 15.07 -13.13
C LYS A 68 16.95 13.64 -13.38
N ASP A 69 17.08 12.83 -12.33
CA ASP A 69 17.67 11.50 -12.43
C ASP A 69 16.64 10.39 -12.56
N PHE A 70 15.35 10.71 -12.63
CA PHE A 70 14.34 9.68 -12.77
C PHE A 70 14.59 8.85 -14.02
N PRO A 71 14.37 7.52 -13.98
CA PRO A 71 13.89 6.65 -12.91
C PRO A 71 14.99 6.10 -11.99
N ALA A 72 16.23 6.55 -12.16
CA ALA A 72 17.30 6.06 -11.31
C ALA A 72 17.08 6.45 -9.85
N SER A 73 16.36 7.54 -9.60
CA SER A 73 16.03 8.00 -8.27
C SER A 73 14.52 8.05 -8.09
N PRO A 74 14.04 7.97 -6.84
CA PRO A 74 12.59 8.00 -6.63
C PRO A 74 12.04 9.40 -6.84
N PRO A 75 10.79 9.54 -7.26
CA PRO A 75 10.18 10.87 -7.34
C PRO A 75 9.95 11.46 -5.95
N LYS A 76 9.73 12.77 -5.94
CA LYS A 76 9.43 13.51 -4.72
C LYS A 76 7.97 13.95 -4.74
N GLY A 77 7.25 13.63 -3.68
CA GLY A 77 5.83 13.95 -3.56
C GLY A 77 5.59 15.05 -2.54
N TYR A 78 4.63 15.93 -2.84
CA TYR A 78 4.28 17.05 -1.97
C TYR A 78 2.77 17.16 -1.89
N PHE A 79 2.21 17.08 -0.69
CA PHE A 79 0.82 17.47 -0.50
C PHE A 79 0.69 18.98 -0.55
N LEU A 80 -0.24 19.46 -1.36
CA LEU A 80 -0.56 20.88 -1.38
C LEU A 80 -1.77 21.20 -0.51
N THR A 81 -2.66 20.24 -0.29
CA THR A 81 -3.70 20.37 0.71
C THR A 81 -3.10 20.26 2.10
N LYS A 82 -3.48 21.18 2.99
CA LYS A 82 -2.96 21.14 4.35
C LYS A 82 -3.36 19.85 5.04
N ILE A 83 -2.40 19.23 5.72
CA ILE A 83 -2.61 17.95 6.39
C ILE A 83 -1.73 17.91 7.63
N PHE A 84 -2.10 17.05 8.58
CA PHE A 84 -1.33 16.81 9.79
C PHE A 84 -0.99 15.32 9.81
N HIS A 85 0.30 15.01 9.60
CA HIS A 85 0.71 13.64 9.35
C HIS A 85 2.18 13.50 9.73
N PRO A 86 2.58 12.44 10.44
CA PRO A 86 3.98 12.36 10.91
C PRO A 86 5.02 12.37 9.80
N ASN A 87 4.63 12.01 8.58
CA ASN A 87 5.56 11.85 7.48
C ASN A 87 5.39 12.93 6.41
N VAL A 88 4.80 14.06 6.77
CA VAL A 88 4.60 15.17 5.86
C VAL A 88 5.18 16.43 6.51
N GLY A 89 6.01 17.15 5.77
CA GLY A 89 6.59 18.38 6.24
C GLY A 89 5.58 19.51 6.31
N ALA A 90 6.05 20.65 6.85
CA ALA A 90 5.17 21.79 7.03
C ALA A 90 4.72 22.39 5.71
N ASN A 91 5.49 22.18 4.64
CA ASN A 91 5.11 22.62 3.30
C ASN A 91 4.64 21.46 2.44
N GLY A 92 4.36 20.31 3.04
CA GLY A 92 3.71 19.22 2.34
C GLY A 92 4.63 18.13 1.84
N GLU A 93 5.95 18.27 1.94
CA GLU A 93 6.81 17.22 1.42
C GLU A 93 6.52 15.92 2.14
N ILE A 94 6.31 14.87 1.36
CA ILE A 94 6.02 13.54 1.87
C ILE A 94 7.32 12.74 1.89
N CYS A 95 7.63 12.13 3.03
CA CYS A 95 8.80 11.28 3.14
C CYS A 95 8.34 9.84 3.28
N VAL A 96 8.48 9.06 2.22
CA VAL A 96 8.16 7.64 2.21
C VAL A 96 9.48 6.90 2.35
N ASN A 97 9.81 6.50 3.59
CA ASN A 97 11.10 5.88 3.86
C ASN A 97 11.33 4.66 2.99
N VAL A 98 10.34 3.76 2.89
CA VAL A 98 10.57 2.50 2.20
C VAL A 98 10.81 2.73 0.71
N LEU A 99 10.21 3.77 0.12
CA LEU A 99 10.50 4.08 -1.28
C LEU A 99 11.96 4.47 -1.44
N LYS A 100 12.47 5.34 -0.56
CA LYS A 100 13.88 5.72 -0.63
C LYS A 100 14.77 4.50 -0.40
N ARG A 101 14.38 3.61 0.51
CA ARG A 101 15.21 2.46 0.84
C ARG A 101 15.23 1.45 -0.30
N ASP A 102 14.08 1.18 -0.91
CA ASP A 102 13.91 0.06 -1.83
C ASP A 102 13.88 0.47 -3.29
N TRP A 103 14.07 1.74 -3.60
CA TRP A 103 13.80 2.22 -4.96
C TRP A 103 14.58 1.43 -5.99
N THR A 104 13.88 1.01 -7.04
CA THR A 104 14.48 0.53 -8.27
C THR A 104 13.74 1.15 -9.44
N ALA A 105 14.45 1.34 -10.55
CA ALA A 105 13.88 2.08 -11.67
C ALA A 105 12.59 1.45 -12.17
N GLU A 106 12.40 0.16 -11.96
CA GLU A 106 11.28 -0.58 -12.53
C GLU A 106 10.03 -0.54 -11.65
N LEU A 107 10.02 0.21 -10.54
CA LEU A 107 8.88 0.16 -9.64
C LEU A 107 7.66 0.84 -10.25
N GLY A 108 7.84 2.00 -10.86
CA GLY A 108 6.76 2.64 -11.58
C GLY A 108 6.08 3.75 -10.80
N ILE A 109 5.50 4.70 -11.53
CA ILE A 109 4.80 5.83 -10.91
C ILE A 109 3.54 5.35 -10.21
N ARG A 110 2.80 4.44 -10.84
CA ARG A 110 1.60 3.91 -10.20
C ARG A 110 1.91 3.41 -8.80
N HIS A 111 2.98 2.63 -8.66
CA HIS A 111 3.37 2.14 -7.34
C HIS A 111 3.67 3.29 -6.39
N VAL A 112 4.34 4.33 -6.88
CA VAL A 112 4.69 5.46 -6.02
C VAL A 112 3.44 6.09 -5.44
N LEU A 113 2.42 6.29 -6.28
CA LEU A 113 1.18 6.91 -5.78
C LEU A 113 0.47 5.99 -4.80
N LEU A 114 0.47 4.68 -5.06
CA LEU A 114 -0.19 3.74 -4.15
C LEU A 114 0.51 3.70 -2.81
N THR A 115 1.83 3.86 -2.79
CA THR A 115 2.57 3.81 -1.55
C THR A 115 2.37 5.08 -0.72
N ILE A 116 2.23 6.22 -1.40
CA ILE A 116 1.85 7.45 -0.70
C ILE A 116 0.50 7.27 -0.04
N LYS A 117 -0.48 6.76 -0.78
CA LYS A 117 -1.79 6.47 -0.20
C LYS A 117 -1.67 5.53 0.99
N CYS A 118 -0.83 4.50 0.86
CA CYS A 118 -0.64 3.55 1.95
C CYS A 118 -0.04 4.23 3.18
N LEU A 119 0.92 5.13 2.96
CA LEU A 119 1.52 5.85 4.08
C LEU A 119 0.54 6.84 4.70
N LEU A 120 -0.24 7.53 3.87
CA LEU A 120 -1.32 8.37 4.39
C LEU A 120 -2.16 7.60 5.39
N ILE A 121 -2.48 6.35 5.08
CA ILE A 121 -3.34 5.53 5.93
C ILE A 121 -2.56 4.98 7.13
N HIS A 122 -1.31 4.56 6.92
CA HIS A 122 -0.52 3.87 7.93
C HIS A 122 0.76 4.67 8.17
N PRO A 123 0.70 5.71 9.00
CA PRO A 123 1.90 6.52 9.22
C PRO A 123 3.03 5.74 9.86
N ASN A 124 4.25 6.23 9.66
CA ASN A 124 5.44 5.73 10.33
C ASN A 124 5.94 6.79 11.30
N PRO A 125 5.48 6.79 12.56
CA PRO A 125 5.93 7.82 13.50
C PRO A 125 7.34 7.63 14.00
N GLU A 126 7.91 6.43 13.85
CA GLU A 126 9.24 6.16 14.37
C GLU A 126 10.30 7.02 13.68
N SER A 127 10.13 7.26 12.39
CA SER A 127 11.04 8.08 11.59
C SER A 127 10.22 9.22 10.98
N ALA A 128 9.75 10.13 11.83
CA ALA A 128 8.81 11.16 11.42
C ALA A 128 9.53 12.41 10.93
N LEU A 129 9.04 12.96 9.83
CA LEU A 129 9.41 14.33 9.44
C LEU A 129 8.81 15.33 10.41
N ASN A 130 7.57 15.10 10.81
CA ASN A 130 6.82 15.99 11.69
C ASN A 130 6.76 15.32 13.07
N GLU A 131 7.76 15.62 13.91
CA GLU A 131 7.85 14.95 15.21
C GLU A 131 6.61 15.21 16.06
N GLU A 132 5.98 16.38 15.92
CA GLU A 132 4.79 16.67 16.72
C GLU A 132 3.65 15.71 16.39
N ALA A 133 3.41 15.49 15.09
CA ALA A 133 2.35 14.58 14.69
C ALA A 133 2.71 13.14 15.03
N GLY A 134 3.99 12.78 14.92
CA GLY A 134 4.41 11.44 15.25
C GLY A 134 4.26 11.11 16.73
N ARG A 135 4.67 12.04 17.59
CA ARG A 135 4.50 11.83 19.02
C ARG A 135 3.03 11.77 19.42
N LEU A 136 2.17 12.55 18.74
CA LEU A 136 0.76 12.53 19.09
C LEU A 136 0.13 11.19 18.74
N LEU A 137 0.45 10.64 17.58
CA LEU A 137 -0.04 9.32 17.22
C LEU A 137 0.38 8.29 18.25
N LEU A 138 1.59 8.42 18.79
CA LEU A 138 2.11 7.45 19.75
C LEU A 138 1.58 7.69 21.15
N GLU A 139 1.42 8.94 21.55
CA GLU A 139 1.06 9.27 22.93
C GLU A 139 -0.45 9.36 23.15
N ASN A 140 -1.25 9.51 22.09
CA ASN A 140 -2.71 9.55 22.24
C ASN A 140 -3.30 9.29 20.85
N TYR A 141 -3.46 8.01 20.51
CA TYR A 141 -3.86 7.65 19.16
C TYR A 141 -5.22 8.25 18.80
N GLU A 142 -6.20 8.11 19.69
CA GLU A 142 -7.54 8.59 19.37
C GLU A 142 -7.56 10.09 19.12
N GLU A 143 -6.78 10.84 19.90
CA GLU A 143 -6.72 12.29 19.68
C GLU A 143 -6.07 12.62 18.34
N TYR A 144 -5.01 11.88 17.98
CA TYR A 144 -4.42 12.06 16.66
C TYR A 144 -5.46 11.88 15.56
N ALA A 145 -6.30 10.87 15.70
CA ALA A 145 -7.35 10.63 14.70
C ALA A 145 -8.37 11.76 14.70
N ALA A 146 -8.75 12.25 15.88
CA ALA A 146 -9.74 13.31 15.96
C ALA A 146 -9.21 14.60 15.34
N ARG A 147 -7.93 14.90 15.54
CA ARG A 147 -7.35 16.12 14.98
C ARG A 147 -7.19 15.99 13.47
N ALA A 148 -6.83 14.79 13.00
CA ALA A 148 -6.74 14.56 11.55
C ALA A 148 -8.11 14.68 10.90
N ARG A 149 -9.15 14.18 11.57
CA ARG A 149 -10.51 14.30 11.06
C ARG A 149 -10.93 15.76 10.98
N LEU A 150 -10.59 16.54 12.00
CA LEU A 150 -10.96 17.95 12.00
C LEU A 150 -10.29 18.68 10.84
N LEU A 151 -9.00 18.45 10.63
CA LEU A 151 -8.30 19.13 9.54
C LEU A 151 -8.81 18.68 8.18
N THR A 152 -9.22 17.41 8.08
CA THR A 152 -9.87 16.95 6.85
C THR A 152 -11.15 17.72 6.58
N GLU A 153 -11.93 17.98 7.63
CA GLU A 153 -13.16 18.74 7.47
C GLU A 153 -12.88 20.18 7.05
N ILE A 154 -11.80 20.76 7.58
CA ILE A 154 -11.52 22.17 7.33
C ILE A 154 -10.90 22.37 5.96
N HIS A 155 -9.93 21.53 5.60
CA HIS A 155 -9.11 21.77 4.41
C HIS A 155 -9.35 20.79 3.28
N GLY A 156 -9.90 19.60 3.56
CA GLY A 156 -10.09 18.61 2.53
C GLY A 156 -11.39 18.76 1.76
N ASN B 7 -18.55 -19.10 11.30
CA ASN B 7 -19.32 -18.44 10.25
C ASN B 7 -19.73 -17.04 10.70
N LEU B 8 -19.87 -16.13 9.73
CA LEU B 8 -20.23 -14.76 10.03
C LEU B 8 -21.74 -14.62 10.23
N PRO B 9 -22.17 -13.51 10.82
CA PRO B 9 -23.60 -13.21 10.85
C PRO B 9 -24.12 -12.94 9.45
N PRO B 10 -25.31 -13.43 9.10
CA PRO B 10 -25.80 -13.22 7.73
C PRO B 10 -25.87 -11.76 7.33
N HIS B 11 -26.20 -10.86 8.25
CA HIS B 11 -26.29 -9.45 7.89
C HIS B 11 -24.92 -8.89 7.49
N ILE B 12 -23.84 -9.37 8.13
CA ILE B 12 -22.51 -8.96 7.70
C ILE B 12 -22.17 -9.56 6.34
N ILE B 13 -22.57 -10.82 6.12
CA ILE B 13 -22.40 -11.41 4.80
C ILE B 13 -23.07 -10.56 3.73
N ARG B 14 -24.22 -9.97 4.07
CA ARG B 14 -24.93 -9.13 3.12
C ARG B 14 -24.10 -7.91 2.74
N LEU B 15 -23.60 -7.17 3.74
CA LEU B 15 -22.79 -6.00 3.44
C LEU B 15 -21.48 -6.36 2.75
N VAL B 16 -20.90 -7.51 3.11
CA VAL B 16 -19.66 -7.95 2.47
C VAL B 16 -19.90 -8.34 1.03
N TYR B 17 -21.07 -8.90 0.71
CA TYR B 17 -21.30 -9.41 -0.63
C TYR B 17 -21.16 -8.31 -1.67
N LYS B 18 -21.79 -7.16 -1.42
CA LYS B 18 -21.69 -6.05 -2.37
C LYS B 18 -20.26 -5.59 -2.54
N GLU B 19 -19.51 -5.49 -1.44
CA GLU B 19 -18.13 -5.03 -1.51
C GLU B 19 -17.28 -5.97 -2.36
N VAL B 20 -17.40 -7.28 -2.12
CA VAL B 20 -16.59 -8.25 -2.85
C VAL B 20 -16.98 -8.27 -4.33
N THR B 21 -18.28 -8.21 -4.62
CA THR B 21 -18.72 -8.16 -6.01
C THR B 21 -18.09 -6.96 -6.73
N THR B 22 -18.14 -5.79 -6.10
CA THR B 22 -17.49 -4.61 -6.68
C THR B 22 -15.99 -4.84 -6.80
N LEU B 23 -15.35 -5.32 -5.73
CA LEU B 23 -13.91 -5.54 -5.76
C LEU B 23 -13.52 -6.51 -6.86
N THR B 24 -14.24 -7.63 -6.98
CA THR B 24 -13.87 -8.65 -7.96
C THR B 24 -14.00 -8.11 -9.38
N ALA B 25 -14.99 -7.26 -9.64
CA ALA B 25 -15.21 -6.76 -10.98
C ALA B 25 -14.12 -5.77 -11.41
N ASP B 26 -13.52 -5.05 -10.46
CA ASP B 26 -12.54 -4.00 -10.76
C ASP B 26 -11.40 -4.07 -9.77
N PRO B 27 -10.60 -5.13 -9.82
CA PRO B 27 -9.57 -5.34 -8.80
C PRO B 27 -8.39 -4.40 -8.99
N PRO B 28 -7.57 -4.22 -7.96
CA PRO B 28 -6.34 -3.42 -8.15
C PRO B 28 -5.45 -4.03 -9.22
N ASP B 29 -4.64 -3.18 -9.82
CA ASP B 29 -3.65 -3.63 -10.79
C ASP B 29 -2.71 -4.64 -10.14
N GLY B 30 -2.45 -5.75 -10.84
CA GLY B 30 -1.57 -6.77 -10.32
C GLY B 30 -2.17 -7.64 -9.23
N ILE B 31 -3.47 -7.54 -8.98
CA ILE B 31 -4.15 -8.37 -7.99
C ILE B 31 -5.39 -8.96 -8.66
N LYS B 32 -5.53 -10.28 -8.59
CA LYS B 32 -6.71 -10.97 -9.08
C LYS B 32 -7.46 -11.54 -7.88
N VAL B 33 -8.77 -11.31 -7.84
CA VAL B 33 -9.61 -11.67 -6.70
C VAL B 33 -10.63 -12.70 -7.17
N PHE B 34 -10.66 -13.86 -6.50
CA PHE B 34 -11.59 -14.94 -6.84
C PHE B 34 -12.52 -15.23 -5.67
N PRO B 35 -13.74 -14.68 -5.66
CA PRO B 35 -14.70 -15.10 -4.64
C PRO B 35 -15.18 -16.51 -4.89
N ASN B 36 -15.36 -17.27 -3.82
CA ASN B 36 -15.91 -18.61 -3.92
C ASN B 36 -17.41 -18.54 -4.17
N GLU B 37 -17.91 -19.47 -4.97
CA GLU B 37 -19.32 -19.43 -5.38
C GLU B 37 -20.28 -19.49 -4.20
N GLU B 38 -19.84 -19.98 -3.04
CA GLU B 38 -20.72 -20.12 -1.89
C GLU B 38 -20.18 -19.38 -0.68
N ASP B 39 -19.06 -19.81 -0.10
CA ASP B 39 -18.59 -19.22 1.14
C ASP B 39 -18.05 -17.81 0.90
N LEU B 40 -18.59 -16.84 1.63
CA LEU B 40 -18.13 -15.46 1.58
C LEU B 40 -17.39 -15.05 2.84
N THR B 41 -16.83 -16.02 3.57
CA THR B 41 -15.86 -15.76 4.62
C THR B 41 -14.44 -16.09 4.16
N ASP B 42 -14.29 -16.60 2.95
CA ASP B 42 -13.01 -16.98 2.36
C ASP B 42 -12.91 -16.35 0.99
N LEU B 43 -11.75 -15.78 0.69
CA LEU B 43 -11.52 -15.08 -0.57
C LEU B 43 -10.18 -15.55 -1.13
N GLN B 44 -10.19 -16.07 -2.35
CA GLN B 44 -8.95 -16.47 -3.01
C GLN B 44 -8.40 -15.29 -3.81
N VAL B 45 -7.11 -15.05 -3.68
CA VAL B 45 -6.46 -13.88 -4.27
C VAL B 45 -5.11 -14.30 -4.85
N THR B 46 -4.75 -13.71 -5.98
CA THR B 46 -3.43 -13.89 -6.58
C THR B 46 -2.77 -12.53 -6.75
N ILE B 47 -1.56 -12.39 -6.19
CA ILE B 47 -0.78 -11.17 -6.32
C ILE B 47 0.36 -11.46 -7.28
N GLU B 48 0.45 -10.67 -8.34
CA GLU B 48 1.52 -10.84 -9.31
C GLU B 48 2.82 -10.29 -8.73
N GLY B 49 3.91 -11.05 -8.88
CA GLY B 49 5.20 -10.64 -8.39
C GLY B 49 5.61 -9.29 -8.96
N PRO B 50 5.64 -8.25 -8.12
CA PRO B 50 5.87 -6.90 -8.66
C PRO B 50 7.22 -6.78 -9.36
N GLU B 51 7.21 -6.08 -10.50
CA GLU B 51 8.45 -5.74 -11.18
C GLU B 51 9.31 -4.87 -10.26
N GLY B 52 10.62 -5.07 -10.33
CA GLY B 52 11.55 -4.32 -9.51
C GLY B 52 11.76 -4.89 -8.13
N THR B 53 11.34 -6.11 -7.86
CA THR B 53 11.54 -6.78 -6.58
C THR B 53 12.08 -8.18 -6.83
N PRO B 54 12.57 -8.85 -5.78
CA PRO B 54 13.00 -10.25 -5.95
C PRO B 54 11.89 -11.19 -6.36
N TYR B 55 10.63 -10.78 -6.25
CA TYR B 55 9.50 -11.64 -6.55
C TYR B 55 8.99 -11.47 -7.97
N ALA B 56 9.64 -10.63 -8.78
CA ALA B 56 9.21 -10.41 -10.14
C ALA B 56 9.04 -11.72 -10.89
N GLY B 57 7.98 -11.81 -11.69
CA GLY B 57 7.74 -12.96 -12.52
C GLY B 57 6.93 -14.07 -11.86
N GLY B 58 6.79 -14.04 -10.54
CA GLY B 58 6.02 -15.06 -9.86
C GLY B 58 4.57 -14.66 -9.68
N LEU B 59 3.74 -15.68 -9.47
CA LEU B 59 2.34 -15.51 -9.08
C LEU B 59 2.18 -16.05 -7.67
N PHE B 60 1.73 -15.20 -6.75
CA PHE B 60 1.65 -15.54 -5.35
C PHE B 60 0.19 -15.63 -4.95
N ARG B 61 -0.27 -16.84 -4.71
CA ARG B 61 -1.66 -17.14 -4.42
C ARG B 61 -1.85 -17.18 -2.91
N MET B 62 -2.92 -16.55 -2.45
CA MET B 62 -3.21 -16.46 -1.03
C MET B 62 -4.71 -16.66 -0.83
N LYS B 63 -5.08 -16.89 0.43
CA LYS B 63 -6.47 -16.84 0.85
C LYS B 63 -6.60 -15.75 1.89
N LEU B 64 -7.63 -14.93 1.76
CA LEU B 64 -7.98 -13.94 2.76
C LEU B 64 -9.12 -14.50 3.60
N LEU B 65 -8.86 -14.71 4.88
CA LEU B 65 -9.85 -15.23 5.82
C LEU B 65 -10.41 -14.05 6.61
N LEU B 66 -11.72 -13.82 6.50
CA LEU B 66 -12.30 -12.63 7.12
C LEU B 66 -12.29 -12.76 8.64
N GLY B 67 -12.69 -13.91 9.15
CA GLY B 67 -12.62 -14.15 10.58
C GLY B 67 -13.96 -13.93 11.25
N LYS B 68 -14.17 -14.65 12.37
CA LYS B 68 -15.47 -14.61 13.04
C LYS B 68 -15.84 -13.20 13.48
N ASP B 69 -14.84 -12.37 13.81
CA ASP B 69 -15.10 -11.03 14.32
C ASP B 69 -15.01 -9.96 13.24
N PHE B 70 -14.96 -10.34 11.97
CA PHE B 70 -14.97 -9.35 10.91
C PHE B 70 -16.30 -8.60 10.91
N PRO B 71 -16.29 -7.27 10.68
CA PRO B 71 -15.21 -6.33 10.38
C PRO B 71 -14.62 -5.63 11.61
N ALA B 72 -15.00 -6.08 12.81
CA ALA B 72 -14.45 -5.49 14.02
C ALA B 72 -12.94 -5.73 14.10
N SER B 73 -12.47 -6.85 13.59
CA SER B 73 -11.05 -7.20 13.57
C SER B 73 -10.60 -7.36 12.11
N PRO B 74 -9.31 -7.20 11.84
CA PRO B 74 -8.85 -7.26 10.45
C PRO B 74 -8.99 -8.67 9.90
N PRO B 75 -9.12 -8.81 8.58
CA PRO B 75 -8.95 -10.14 7.97
C PRO B 75 -7.50 -10.58 8.07
N LYS B 76 -7.28 -11.89 7.93
CA LYS B 76 -5.95 -12.47 8.00
C LYS B 76 -5.63 -13.12 6.66
N GLY B 77 -4.51 -12.72 6.06
CA GLY B 77 -4.07 -13.28 4.81
C GLY B 77 -3.07 -14.41 5.04
N TYR B 78 -3.15 -15.43 4.18
CA TYR B 78 -2.22 -16.57 4.21
C TYR B 78 -1.82 -16.91 2.79
N PHE B 79 -0.52 -16.92 2.52
CA PHE B 79 -0.02 -17.33 1.22
C PHE B 79 -0.07 -18.85 1.10
N LEU B 80 -0.76 -19.34 0.08
CA LEU B 80 -0.67 -20.75 -0.28
C LEU B 80 0.65 -21.04 -0.98
N THR B 81 1.16 -20.08 -1.73
CA THR B 81 2.45 -20.20 -2.40
C THR B 81 3.57 -20.02 -1.39
N LYS B 82 4.47 -20.99 -1.32
CA LYS B 82 5.65 -20.85 -0.47
C LYS B 82 6.49 -19.66 -0.94
N ILE B 83 7.06 -18.94 0.03
CA ILE B 83 7.71 -17.66 -0.25
C ILE B 83 8.75 -17.43 0.83
N PHE B 84 9.77 -16.63 0.51
CA PHE B 84 10.79 -16.18 1.45
C PHE B 84 10.62 -14.67 1.60
N HIS B 85 10.00 -14.25 2.71
CA HIS B 85 9.69 -12.85 2.96
C HIS B 85 9.71 -12.63 4.46
N PRO B 86 10.29 -11.53 4.95
CA PRO B 86 10.40 -11.35 6.42
C PRO B 86 9.07 -11.38 7.15
N ASN B 87 7.99 -10.94 6.51
CA ASN B 87 6.69 -10.79 7.15
C ASN B 87 5.71 -11.89 6.77
N VAL B 88 6.20 -13.04 6.30
CA VAL B 88 5.36 -14.20 6.02
C VAL B 88 5.86 -15.36 6.86
N GLY B 89 4.98 -15.89 7.71
CA GLY B 89 5.36 -16.92 8.66
C GLY B 89 5.35 -18.32 8.07
N ALA B 90 5.68 -19.29 8.94
CA ALA B 90 5.91 -20.65 8.49
C ALA B 90 4.67 -21.25 7.82
N ASN B 91 3.49 -20.92 8.33
CA ASN B 91 2.23 -21.42 7.76
C ASN B 91 1.69 -20.48 6.68
N GLY B 92 2.52 -19.58 6.16
CA GLY B 92 2.06 -18.62 5.19
C GLY B 92 1.37 -17.40 5.76
N GLU B 93 1.28 -17.27 7.08
CA GLU B 93 0.64 -16.12 7.68
C GLU B 93 1.33 -14.84 7.25
N ILE B 94 0.54 -13.88 6.76
CA ILE B 94 1.02 -12.55 6.41
C ILE B 94 0.69 -11.63 7.57
N CYS B 95 1.71 -11.02 8.17
CA CYS B 95 1.52 -10.14 9.32
C CYS B 95 1.81 -8.70 8.88
N VAL B 96 0.75 -7.93 8.70
CA VAL B 96 0.84 -6.52 8.35
C VAL B 96 0.57 -5.75 9.65
N ASN B 97 1.65 -5.41 10.35
CA ASN B 97 1.50 -4.88 11.70
C ASN B 97 0.78 -3.53 11.71
N VAL B 98 1.08 -2.66 10.74
CA VAL B 98 0.40 -1.36 10.70
C VAL B 98 -1.08 -1.54 10.46
N LEU B 99 -1.47 -2.57 9.71
CA LEU B 99 -2.89 -2.82 9.48
C LEU B 99 -3.59 -3.17 10.78
N LYS B 100 -2.95 -3.97 11.63
CA LYS B 100 -3.53 -4.29 12.93
C LYS B 100 -3.58 -3.06 13.83
N ARG B 101 -2.58 -2.19 13.72
CA ARG B 101 -2.55 -0.98 14.54
C ARG B 101 -3.66 -0.03 14.15
N ASP B 102 -3.88 0.17 12.86
CA ASP B 102 -4.77 1.21 12.37
C ASP B 102 -6.13 0.67 11.94
N TRP B 103 -6.41 -0.60 12.21
CA TRP B 103 -7.62 -1.21 11.67
C TRP B 103 -8.87 -0.47 12.14
N THR B 104 -9.79 -0.27 11.19
CA THR B 104 -11.16 0.12 11.50
C THR B 104 -12.09 -0.64 10.56
N ALA B 105 -13.34 -0.78 10.98
CA ALA B 105 -14.30 -1.60 10.27
C ALA B 105 -14.53 -1.15 8.83
N GLU B 106 -14.29 0.13 8.52
CA GLU B 106 -14.61 0.68 7.21
C GLU B 106 -13.40 0.76 6.30
N LEU B 107 -12.26 0.18 6.70
CA LEU B 107 -11.06 0.26 5.89
C LEU B 107 -11.24 -0.47 4.55
N GLY B 108 -11.91 -1.60 4.58
CA GLY B 108 -12.31 -2.26 3.34
C GLY B 108 -11.33 -3.32 2.89
N ILE B 109 -11.86 -4.30 2.16
CA ILE B 109 -11.07 -5.45 1.73
C ILE B 109 -10.05 -5.06 0.66
N ARG B 110 -10.46 -4.20 -0.28
CA ARG B 110 -9.51 -3.70 -1.27
C ARG B 110 -8.25 -3.19 -0.60
N HIS B 111 -8.40 -2.36 0.43
CA HIS B 111 -7.23 -1.79 1.09
C HIS B 111 -6.35 -2.87 1.70
N VAL B 112 -6.95 -3.88 2.33
CA VAL B 112 -6.17 -4.95 2.93
C VAL B 112 -5.26 -5.58 1.89
N LEU B 113 -5.81 -5.88 0.71
CA LEU B 113 -5.01 -6.50 -0.34
C LEU B 113 -3.93 -5.57 -0.84
N LEU B 114 -4.22 -4.28 -0.94
CA LEU B 114 -3.22 -3.32 -1.40
C LEU B 114 -2.06 -3.24 -0.41
N THR B 115 -2.33 -3.33 0.89
CA THR B 115 -1.24 -3.25 1.87
C THR B 115 -0.44 -4.54 1.90
N ILE B 116 -1.07 -5.67 1.64
CA ILE B 116 -0.33 -6.93 1.50
C ILE B 116 0.66 -6.82 0.35
N LYS B 117 0.20 -6.29 -0.79
CA LYS B 117 1.10 -6.08 -1.93
C LYS B 117 2.20 -5.09 -1.57
N CYS B 118 1.84 -4.00 -0.89
CA CYS B 118 2.82 -3.01 -0.48
C CYS B 118 3.90 -3.65 0.38
N LEU B 119 3.50 -4.50 1.34
CA LEU B 119 4.45 -5.15 2.22
C LEU B 119 5.32 -6.13 1.46
N LEU B 120 4.73 -6.82 0.47
CA LEU B 120 5.51 -7.71 -0.39
C LEU B 120 6.65 -6.95 -1.05
N ILE B 121 6.40 -5.72 -1.49
CA ILE B 121 7.41 -4.91 -2.15
C ILE B 121 8.35 -4.29 -1.12
N HIS B 122 7.80 -3.91 0.04
CA HIS B 122 8.52 -3.12 1.04
C HIS B 122 8.48 -3.88 2.36
N PRO B 123 9.34 -4.87 2.54
CA PRO B 123 9.33 -5.64 3.80
C PRO B 123 9.65 -4.76 5.00
N ASN B 124 9.21 -5.23 6.16
CA ASN B 124 9.48 -4.59 7.44
C ASN B 124 10.21 -5.59 8.32
N PRO B 125 11.56 -5.56 8.33
CA PRO B 125 12.30 -6.56 9.12
C PRO B 125 12.15 -6.39 10.63
N GLU B 126 11.59 -5.27 11.10
CA GLU B 126 11.41 -5.09 12.53
C GLU B 126 10.31 -6.00 13.07
N SER B 127 9.25 -6.22 12.28
CA SER B 127 8.13 -7.06 12.67
C SER B 127 8.14 -8.41 11.97
N ALA B 128 9.32 -8.97 11.74
CA ALA B 128 9.46 -10.15 10.89
C ALA B 128 8.95 -11.40 11.59
N LEU B 129 8.00 -12.09 10.95
CA LEU B 129 7.66 -13.45 11.37
C LEU B 129 8.68 -14.46 10.89
N ASN B 130 9.35 -14.19 9.77
CA ASN B 130 10.47 -14.99 9.30
C ASN B 130 11.74 -14.25 9.73
N GLU B 131 12.24 -14.60 10.92
CA GLU B 131 13.38 -13.89 11.49
C GLU B 131 14.62 -14.05 10.61
N GLU B 132 14.82 -15.24 10.05
CA GLU B 132 15.98 -15.45 9.18
C GLU B 132 15.94 -14.53 7.97
N ALA B 133 14.74 -14.34 7.39
CA ALA B 133 14.62 -13.47 6.22
C ALA B 133 14.80 -12.00 6.61
N GLY B 134 14.26 -11.60 7.76
CA GLY B 134 14.46 -10.24 8.21
C GLY B 134 15.91 -9.95 8.58
N ARG B 135 16.56 -10.90 9.27
CA ARG B 135 17.96 -10.72 9.64
C ARG B 135 18.86 -10.77 8.41
N LEU B 136 18.59 -11.71 7.51
CA LEU B 136 19.39 -11.79 6.28
C LEU B 136 19.18 -10.55 5.42
N LEU B 137 17.96 -10.01 5.40
CA LEU B 137 17.71 -8.80 4.62
C LEU B 137 18.56 -7.64 5.10
N LEU B 138 18.74 -7.53 6.42
CA LEU B 138 19.49 -6.41 6.98
C LEU B 138 21.00 -6.62 6.85
N GLU B 139 21.46 -7.82 7.20
CA GLU B 139 22.89 -8.10 7.28
C GLU B 139 23.51 -8.54 5.97
N ASN B 140 22.72 -9.08 5.04
CA ASN B 140 23.27 -9.64 3.82
C ASN B 140 22.21 -9.67 2.72
N TYR B 141 21.97 -8.52 2.09
CA TYR B 141 20.81 -8.39 1.20
C TYR B 141 20.94 -9.27 -0.03
N GLU B 142 22.14 -9.41 -0.59
CA GLU B 142 22.29 -10.22 -1.79
C GLU B 142 21.82 -11.65 -1.56
N GLU B 143 22.18 -12.24 -0.43
CA GLU B 143 21.70 -13.59 -0.12
C GLU B 143 20.21 -13.60 0.17
N TYR B 144 19.67 -12.51 0.73
CA TYR B 144 18.23 -12.41 0.89
C TYR B 144 17.52 -12.45 -0.46
N ALA B 145 17.92 -11.55 -1.36
CA ALA B 145 17.28 -11.50 -2.67
C ALA B 145 17.48 -12.79 -3.45
N ALA B 146 18.68 -13.39 -3.35
CA ALA B 146 18.91 -14.66 -4.03
C ALA B 146 17.95 -15.73 -3.53
N ARG B 147 17.73 -15.80 -2.22
CA ARG B 147 16.81 -16.78 -1.67
C ARG B 147 15.37 -16.48 -2.12
N ALA B 148 14.97 -15.22 -2.09
CA ALA B 148 13.61 -14.85 -2.50
C ALA B 148 13.39 -15.11 -3.98
N ARG B 149 14.40 -14.85 -4.81
CA ARG B 149 14.30 -15.17 -6.23
C ARG B 149 14.24 -16.67 -6.45
N LEU B 150 15.00 -17.44 -5.67
CA LEU B 150 15.00 -18.89 -5.84
C LEU B 150 13.61 -19.48 -5.58
N LEU B 151 12.99 -19.11 -4.46
CA LEU B 151 11.67 -19.63 -4.16
C LEU B 151 10.61 -19.07 -5.10
N THR B 152 10.82 -17.85 -5.60
CA THR B 152 9.92 -17.33 -6.63
C THR B 152 9.95 -18.22 -7.86
N GLU B 153 11.14 -18.65 -8.27
CA GLU B 153 11.27 -19.52 -9.43
C GLU B 153 10.67 -20.90 -9.17
N ILE B 154 10.91 -21.46 -7.99
CA ILE B 154 10.44 -22.81 -7.68
C ILE B 154 8.92 -22.84 -7.55
N HIS B 155 8.35 -21.89 -6.80
CA HIS B 155 6.96 -21.94 -6.40
C HIS B 155 6.06 -20.95 -7.10
N GLY B 156 6.60 -19.85 -7.61
CA GLY B 156 5.79 -18.81 -8.22
C GLY B 156 5.24 -19.19 -9.58
#